data_3DTW
#
_entry.id   3DTW
#
_cell.length_a   55.244
_cell.length_b   68.355
_cell.length_c   88.485
_cell.angle_alpha   90.00
_cell.angle_beta   92.16
_cell.angle_gamma   90.00
#
_symmetry.space_group_name_H-M   'P 1 21 1'
#
loop_
_entity.id
_entity.type
_entity.pdbx_description
1 polymer 'Vascular endothelial growth factor receptor 2'
2 non-polymer 6-chloro-N-pyrimidin-5-yl-3-{[3-(trifluoromethyl)phenyl]amino}-1,2-benzisoxazole-7-carboxamide
3 water water
#
_entity_poly.entity_id   1
_entity_poly.type   'polypeptide(L)'
_entity_poly.pdbx_seq_one_letter_code
;EHAERLPYDASKWEFPRDRLKLGKPLGRGAFGQVIEADAFGIDKTATCRTVAVKMLKEGATHSEHRALMSELKILIHIGH
HLNVVNLLGACTKPGGPLMVITEFCKFGNLSTYLRSKRNEFVPYKVAPEDLYKDFLTLEHLICYSFQVAKGMEFLASRKC
IHRDLAARNILLSEKNVVKICDFGLARDI(PTR)KDPD(PTR)VRKGDARLPLKWMAPETIFDRVYTIQSDVWSFGVLLW
EIFSLGASPYPGVKIDEEFCRRLKEGTRMRAPDYTTPEMYQTMLDCWHGEPSQRPTFSELVEHLGNLLQANAQQDRHHHH
HH
;
_entity_poly.pdbx_strand_id   A,B
#
# COMPACT_ATOMS: atom_id res chain seq x y z
N GLU A 4 -17.48 10.97 -23.82
CA GLU A 4 -18.84 10.40 -23.56
C GLU A 4 -19.57 10.16 -24.89
N ARG A 5 -19.24 10.98 -25.88
CA ARG A 5 -19.83 10.88 -27.20
C ARG A 5 -19.05 9.84 -28.01
N LEU A 6 -17.83 9.58 -27.56
CA LEU A 6 -16.94 8.63 -28.19
C LEU A 6 -17.50 7.22 -28.00
N PRO A 7 -17.40 6.36 -29.03
CA PRO A 7 -17.91 4.98 -28.99
C PRO A 7 -17.00 4.03 -28.19
N TYR A 8 -17.55 2.89 -27.76
CA TYR A 8 -16.77 1.91 -26.99
C TYR A 8 -16.70 0.53 -27.64
N ASP A 9 -15.55 0.23 -28.24
CA ASP A 9 -15.31 -1.02 -28.92
C ASP A 9 -15.02 -2.15 -27.93
N ALA A 10 -16.07 -2.81 -27.47
CA ALA A 10 -15.91 -3.90 -26.51
C ALA A 10 -15.10 -5.07 -27.04
N SER A 11 -15.13 -5.31 -28.34
CA SER A 11 -14.40 -6.43 -28.91
C SER A 11 -12.91 -6.22 -28.81
N LYS A 12 -12.49 -4.99 -28.57
CA LYS A 12 -11.06 -4.72 -28.47
C LYS A 12 -10.57 -4.57 -27.03
N TRP A 13 -11.32 -3.87 -26.19
CA TRP A 13 -10.89 -3.63 -24.82
C TRP A 13 -11.46 -4.43 -23.65
N GLU A 14 -12.55 -5.18 -23.86
CA GLU A 14 -13.19 -5.88 -22.77
C GLU A 14 -12.38 -7.03 -22.17
N PHE A 15 -12.21 -7.00 -20.84
CA PHE A 15 -11.45 -8.01 -20.11
C PHE A 15 -12.33 -8.69 -19.07
N PRO A 16 -12.20 -10.02 -18.92
CA PRO A 16 -13.02 -10.75 -17.94
C PRO A 16 -12.64 -10.38 -16.51
N ARG A 17 -13.63 -10.05 -15.68
CA ARG A 17 -13.36 -9.70 -14.30
C ARG A 17 -12.64 -10.81 -13.52
N ASP A 18 -13.04 -12.06 -13.72
CA ASP A 18 -12.42 -13.16 -13.00
C ASP A 18 -11.04 -13.52 -13.53
N ARG A 19 -10.48 -12.66 -14.36
CA ARG A 19 -9.15 -12.89 -14.89
C ARG A 19 -8.22 -11.87 -14.21
N LEU A 20 -8.73 -11.26 -13.15
CA LEU A 20 -7.99 -10.26 -12.39
C LEU A 20 -8.03 -10.62 -10.91
N LYS A 21 -6.86 -10.59 -10.29
CA LYS A 21 -6.77 -10.84 -8.86
C LYS A 21 -6.33 -9.50 -8.31
N LEU A 22 -7.24 -8.80 -7.62
CA LEU A 22 -6.95 -7.48 -7.07
C LEU A 22 -6.05 -7.55 -5.84
N GLY A 23 -5.05 -6.67 -5.79
CA GLY A 23 -4.13 -6.67 -4.67
C GLY A 23 -4.20 -5.42 -3.81
N LYS A 24 -3.08 -5.07 -3.20
CA LYS A 24 -3.05 -3.90 -2.33
C LYS A 24 -3.43 -2.67 -3.12
N PRO A 25 -4.11 -1.73 -2.46
CA PRO A 25 -4.57 -0.49 -3.06
C PRO A 25 -3.41 0.46 -3.25
N LEU A 26 -3.50 1.35 -4.22
CA LEU A 26 -2.44 2.32 -4.48
C LEU A 26 -2.87 3.69 -3.97
N GLY A 27 -3.90 4.27 -4.59
CA GLY A 27 -4.39 5.57 -4.16
C GLY A 27 -5.91 5.61 -4.03
N ARG A 28 -6.42 6.64 -3.36
CA ARG A 28 -7.86 6.78 -3.19
C ARG A 28 -8.29 8.24 -3.36
N GLY A 29 -9.49 8.45 -3.90
CA GLY A 29 -9.98 9.79 -4.11
C GLY A 29 -11.48 9.86 -4.35
N GLY A 32 -13.04 7.59 -7.26
CA GLY A 32 -12.80 6.17 -7.11
C GLY A 32 -11.47 5.85 -6.45
N GLN A 33 -11.03 4.60 -6.57
CA GLN A 33 -9.75 4.17 -5.99
C GLN A 33 -8.95 3.26 -6.93
N VAL A 34 -7.63 3.45 -6.94
CA VAL A 34 -6.75 2.66 -7.79
C VAL A 34 -6.13 1.49 -7.04
N ILE A 35 -5.99 0.35 -7.70
CA ILE A 35 -5.45 -0.85 -7.08
C ILE A 35 -4.47 -1.60 -7.96
N GLU A 36 -3.51 -2.25 -7.32
CA GLU A 36 -2.53 -3.05 -8.04
C GLU A 36 -3.22 -4.39 -8.27
N ALA A 37 -2.84 -5.11 -9.33
CA ALA A 37 -3.47 -6.38 -9.60
C ALA A 37 -2.74 -7.28 -10.57
N ASP A 38 -3.22 -8.51 -10.66
CA ASP A 38 -2.67 -9.49 -11.58
C ASP A 38 -3.73 -9.78 -12.63
N ALA A 39 -3.33 -9.67 -13.90
CA ALA A 39 -4.21 -9.91 -15.02
C ALA A 39 -3.69 -11.12 -15.76
N PHE A 40 -4.55 -12.11 -15.97
CA PHE A 40 -4.13 -13.31 -16.66
C PHE A 40 -4.64 -13.34 -18.10
N GLY A 41 -3.69 -13.30 -19.03
CA GLY A 41 -3.99 -13.34 -20.44
C GLY A 41 -4.45 -12.02 -21.02
N ILE A 42 -4.13 -10.93 -20.33
CA ILE A 42 -4.55 -9.60 -20.78
C ILE A 42 -3.78 -9.12 -22.02
N ASP A 43 -2.70 -9.84 -22.35
CA ASP A 43 -1.87 -9.50 -23.50
C ASP A 43 -1.33 -10.71 -24.25
N LYS A 44 -1.93 -11.00 -25.41
CA LYS A 44 -1.54 -12.10 -26.28
C LYS A 44 -1.46 -13.42 -25.53
N THR A 47 1.92 -14.45 -20.07
CA THR A 47 0.71 -15.09 -19.58
C THR A 47 0.12 -14.38 -18.36
N CYS A 48 0.94 -13.96 -17.41
CA CYS A 48 0.45 -13.23 -16.25
C CYS A 48 1.10 -11.86 -16.20
N ARG A 49 0.36 -10.82 -15.83
CA ARG A 49 0.95 -9.49 -15.79
C ARG A 49 0.43 -8.62 -14.66
N THR A 50 1.25 -7.69 -14.21
CA THR A 50 0.82 -6.80 -13.14
C THR A 50 0.18 -5.56 -13.73
N VAL A 51 -0.93 -5.14 -13.17
CA VAL A 51 -1.63 -4.00 -13.70
C VAL A 51 -2.21 -3.10 -12.61
N ALA A 52 -2.76 -1.97 -13.03
CA ALA A 52 -3.38 -1.03 -12.10
C ALA A 52 -4.84 -0.92 -12.50
N VAL A 53 -5.72 -1.12 -11.53
CA VAL A 53 -7.12 -1.06 -11.84
C VAL A 53 -7.79 0.10 -11.13
N LYS A 54 -8.50 0.93 -11.88
CA LYS A 54 -9.24 2.06 -11.30
C LYS A 54 -10.69 1.65 -11.30
N MET A 55 -11.27 1.54 -10.11
CA MET A 55 -12.66 1.13 -9.99
C MET A 55 -13.45 1.95 -8.99
N LEU A 56 -14.75 2.06 -9.23
CA LEU A 56 -15.64 2.78 -8.33
C LEU A 56 -15.98 1.92 -7.12
N LYS A 57 -16.76 2.47 -6.21
CA LYS A 57 -17.14 1.75 -5.01
C LYS A 57 -18.48 1.04 -5.11
N GLU A 58 -19.03 0.72 -3.95
CA GLU A 58 -20.35 0.12 -3.93
C GLU A 58 -21.31 1.32 -3.90
N GLY A 59 -22.43 1.21 -4.62
CA GLY A 59 -23.45 2.23 -4.68
C GLY A 59 -23.18 3.68 -5.04
N ALA A 60 -22.00 3.97 -5.57
CA ALA A 60 -21.66 5.35 -5.94
C ALA A 60 -22.70 5.96 -6.95
N THR A 61 -22.64 7.28 -7.03
CA THR A 61 -23.51 8.08 -7.87
C THR A 61 -23.38 7.76 -9.33
N HIS A 62 -24.51 7.38 -9.93
CA HIS A 62 -24.58 7.05 -11.33
C HIS A 62 -23.66 7.97 -12.13
N SER A 63 -23.53 9.21 -11.67
CA SER A 63 -22.68 10.18 -12.34
C SER A 63 -21.24 9.65 -12.38
N GLU A 64 -20.71 9.31 -11.22
CA GLU A 64 -19.35 8.78 -11.13
C GLU A 64 -19.14 7.64 -12.12
N HIS A 65 -20.17 6.84 -12.35
CA HIS A 65 -20.07 5.75 -13.31
C HIS A 65 -19.84 6.44 -14.65
N ARG A 66 -20.77 7.33 -14.99
CA ARG A 66 -20.68 8.07 -16.24
C ARG A 66 -19.32 8.73 -16.44
N ALA A 67 -18.79 9.29 -15.36
CA ALA A 67 -17.49 9.95 -15.40
C ALA A 67 -16.38 8.95 -15.69
N LEU A 68 -16.37 7.83 -14.96
CA LEU A 68 -15.37 6.81 -15.15
C LEU A 68 -15.41 6.30 -16.59
N MET A 69 -16.61 6.14 -17.14
CA MET A 69 -16.75 5.67 -18.52
C MET A 69 -16.11 6.65 -19.52
N SER A 70 -16.45 7.93 -19.38
CA SER A 70 -15.92 8.95 -20.27
C SER A 70 -14.41 9.11 -20.12
N GLU A 71 -13.89 8.83 -18.93
CA GLU A 71 -12.46 8.91 -18.71
C GLU A 71 -11.83 7.81 -19.58
N LEU A 72 -12.47 6.64 -19.56
CA LEU A 72 -12.02 5.49 -20.32
C LEU A 72 -12.07 5.75 -21.82
N LYS A 73 -13.18 6.29 -22.30
CA LYS A 73 -13.30 6.59 -23.72
C LYS A 73 -12.27 7.62 -24.17
N ILE A 74 -11.93 8.56 -23.28
CA ILE A 74 -10.95 9.58 -23.61
C ILE A 74 -9.62 8.90 -23.87
N LEU A 75 -9.26 7.97 -22.99
CA LEU A 75 -8.02 7.23 -23.14
C LEU A 75 -8.02 6.40 -24.45
N ILE A 76 -9.17 5.88 -24.83
CA ILE A 76 -9.29 5.11 -26.05
C ILE A 76 -9.10 6.06 -27.23
N HIS A 77 -9.61 7.27 -27.07
CA HIS A 77 -9.52 8.30 -28.10
C HIS A 77 -8.08 8.81 -28.28
N ILE A 78 -7.44 9.16 -27.18
CA ILE A 78 -6.06 9.64 -27.21
C ILE A 78 -5.15 8.72 -28.00
N GLY A 79 -5.20 7.43 -27.69
CA GLY A 79 -4.37 6.49 -28.40
C GLY A 79 -3.11 6.11 -27.64
N HIS A 80 -2.20 5.43 -28.31
CA HIS A 80 -0.99 5.01 -27.66
C HIS A 80 0.24 5.88 -27.88
N HIS A 81 0.96 6.12 -26.80
CA HIS A 81 2.20 6.87 -26.84
C HIS A 81 3.03 6.35 -25.68
N LEU A 82 4.33 6.18 -25.91
CA LEU A 82 5.20 5.66 -24.89
C LEU A 82 5.18 6.47 -23.60
N ASN A 83 4.94 7.77 -23.71
CA ASN A 83 4.98 8.59 -22.53
C ASN A 83 3.66 8.93 -21.85
N VAL A 84 2.61 8.20 -22.20
CA VAL A 84 1.29 8.39 -21.59
C VAL A 84 0.84 7.05 -21.07
N VAL A 85 0.52 6.99 -19.78
CA VAL A 85 0.11 5.73 -19.17
C VAL A 85 -0.71 4.91 -20.16
N ASN A 86 -0.37 3.62 -20.31
CA ASN A 86 -1.04 2.75 -21.27
C ASN A 86 -2.28 1.98 -20.79
N LEU A 87 -3.38 2.16 -21.53
CA LEU A 87 -4.65 1.49 -21.27
C LEU A 87 -4.53 0.07 -21.80
N LEU A 88 -4.73 -0.93 -20.94
CA LEU A 88 -4.62 -2.33 -21.37
C LEU A 88 -6.00 -2.98 -21.57
N GLY A 89 -6.99 -2.54 -20.80
CA GLY A 89 -8.34 -3.10 -20.91
C GLY A 89 -9.40 -2.42 -20.05
N ALA A 90 -10.54 -3.08 -19.91
CA ALA A 90 -11.64 -2.54 -19.11
C ALA A 90 -12.80 -3.54 -18.98
N CYS A 91 -13.43 -3.57 -17.81
CA CYS A 91 -14.57 -4.46 -17.61
C CYS A 91 -15.76 -3.51 -17.51
N THR A 92 -16.62 -3.53 -18.52
CA THR A 92 -17.78 -2.65 -18.56
C THR A 92 -19.12 -3.37 -18.56
N LYS A 93 -19.18 -4.56 -19.13
CA LYS A 93 -20.44 -5.29 -19.18
C LYS A 93 -20.94 -5.63 -17.79
N PRO A 94 -22.25 -5.81 -17.63
CA PRO A 94 -22.88 -6.12 -16.35
C PRO A 94 -22.33 -7.39 -15.68
N GLY A 95 -22.45 -7.44 -14.36
CA GLY A 95 -21.95 -8.61 -13.64
C GLY A 95 -21.05 -8.19 -12.52
N GLY A 96 -20.30 -7.11 -12.73
CA GLY A 96 -19.41 -6.63 -11.70
C GLY A 96 -19.25 -5.13 -11.74
N PRO A 97 -18.36 -4.56 -10.92
CA PRO A 97 -18.18 -3.11 -10.96
C PRO A 97 -17.38 -2.67 -12.20
N LEU A 98 -17.50 -1.39 -12.57
CA LEU A 98 -16.78 -0.86 -13.73
C LEU A 98 -15.30 -0.67 -13.43
N MET A 99 -14.44 -1.22 -14.27
CA MET A 99 -13.00 -1.11 -14.03
C MET A 99 -12.19 -0.73 -15.26
N VAL A 100 -11.24 0.19 -15.07
CA VAL A 100 -10.38 0.63 -16.17
C VAL A 100 -8.97 0.15 -15.84
N ILE A 101 -8.43 -0.67 -16.74
CA ILE A 101 -7.10 -1.26 -16.54
C ILE A 101 -5.95 -0.68 -17.34
N THR A 102 -4.91 -0.22 -16.64
CA THR A 102 -3.72 0.34 -17.30
C THR A 102 -2.46 -0.42 -16.88
N GLU A 103 -1.39 -0.16 -17.63
CA GLU A 103 -0.12 -0.77 -17.32
C GLU A 103 0.23 -0.39 -15.89
N PHE A 104 1.16 -1.12 -15.29
CA PHE A 104 1.58 -0.82 -13.94
C PHE A 104 2.96 -0.20 -13.98
N CYS A 105 3.16 0.83 -13.18
CA CYS A 105 4.44 1.51 -13.09
C CYS A 105 4.85 1.26 -11.63
N LYS A 106 5.89 0.46 -11.43
CA LYS A 106 6.34 0.11 -10.08
C LYS A 106 6.90 1.22 -9.21
N PHE A 107 7.72 2.09 -9.78
CA PHE A 107 8.34 3.14 -9.00
C PHE A 107 7.48 4.28 -8.46
N GLY A 108 6.21 4.36 -8.85
CA GLY A 108 5.32 5.40 -8.36
C GLY A 108 5.45 6.79 -8.99
N ASN A 109 4.82 7.78 -8.37
CA ASN A 109 4.86 9.14 -8.88
C ASN A 109 6.30 9.68 -8.84
N LEU A 110 6.62 10.52 -9.82
CA LEU A 110 7.95 11.08 -9.99
C LEU A 110 8.51 11.91 -8.88
N SER A 111 7.65 12.65 -8.21
CA SER A 111 8.08 13.53 -7.13
C SER A 111 8.72 12.77 -5.97
N THR A 112 8.05 11.71 -5.52
CA THR A 112 8.59 10.95 -4.42
C THR A 112 9.84 10.21 -4.84
N TYR A 113 9.83 9.67 -6.05
CA TYR A 113 10.99 8.94 -6.54
C TYR A 113 12.22 9.83 -6.52
N LEU A 114 12.03 11.07 -6.95
CA LEU A 114 13.13 12.04 -6.99
C LEU A 114 13.51 12.41 -5.58
N ARG A 115 12.50 12.67 -4.78
CA ARG A 115 12.67 13.05 -3.39
C ARG A 115 13.57 12.04 -2.70
N SER A 116 13.51 10.78 -3.12
CA SER A 116 14.30 9.74 -2.49
C SER A 116 15.71 9.54 -3.03
N LYS A 117 16.07 10.21 -4.13
CA LYS A 117 17.40 10.02 -4.68
C LYS A 117 18.35 11.18 -4.39
N ARG A 118 17.94 12.04 -3.46
CA ARG A 118 18.72 13.21 -3.08
C ARG A 118 20.09 12.87 -2.51
N ASN A 119 20.28 11.63 -2.10
CA ASN A 119 21.56 11.18 -1.56
C ASN A 119 22.21 10.28 -2.58
N GLU A 120 21.71 10.33 -3.81
CA GLU A 120 22.27 9.51 -4.86
C GLU A 120 22.28 10.32 -6.16
N PHE A 121 22.89 11.51 -6.10
CA PHE A 121 22.96 12.37 -7.26
C PHE A 121 24.35 12.92 -7.54
N VAL A 122 24.69 12.91 -8.84
CA VAL A 122 25.97 13.44 -9.33
C VAL A 122 25.69 14.04 -10.70
N PRO A 123 26.19 15.24 -10.96
CA PRO A 123 25.97 15.91 -12.24
C PRO A 123 26.24 14.99 -13.43
N TYR A 124 27.22 14.11 -13.28
CA TYR A 124 27.60 13.17 -14.34
C TYR A 124 28.58 12.11 -13.82
N LYS A 125 28.86 11.08 -14.63
CA LYS A 125 29.77 10.02 -14.22
C LYS A 125 31.06 9.93 -15.02
N VAL A 126 32.09 9.37 -14.39
CA VAL A 126 33.40 9.15 -15.03
C VAL A 126 33.99 7.90 -14.39
N ALA A 127 35.06 7.36 -14.98
CA ALA A 127 35.73 6.16 -14.45
C ALA A 127 36.36 6.41 -13.07
N PRO A 128 36.14 5.51 -12.08
CA PRO A 128 35.38 4.26 -12.08
C PRO A 128 33.89 4.48 -11.77
N GLU A 129 33.11 4.60 -12.83
CA GLU A 129 31.68 4.85 -12.73
C GLU A 129 30.88 3.85 -11.89
N ASP A 130 31.55 2.87 -11.28
CA ASP A 130 30.81 1.90 -10.48
C ASP A 130 30.53 2.42 -9.09
N LEU A 131 30.93 3.66 -8.84
CA LEU A 131 30.70 4.28 -7.55
C LEU A 131 29.41 5.08 -7.62
N TYR A 132 28.89 5.25 -8.83
CA TYR A 132 27.65 6.00 -9.03
C TYR A 132 26.53 5.09 -9.53
N LYS A 133 26.58 3.82 -9.13
CA LYS A 133 25.57 2.86 -9.54
C LYS A 133 24.19 3.31 -9.04
N ASP A 134 23.20 3.27 -9.94
CA ASP A 134 21.84 3.68 -9.60
C ASP A 134 21.82 5.11 -9.07
N PHE A 135 22.55 6.01 -9.72
CA PHE A 135 22.60 7.39 -9.29
C PHE A 135 21.88 8.24 -10.30
N LEU A 136 21.17 9.26 -9.83
CA LEU A 136 20.48 10.17 -10.73
C LEU A 136 21.50 11.23 -11.17
N THR A 137 21.40 11.65 -12.42
CA THR A 137 22.33 12.62 -12.95
C THR A 137 21.54 13.61 -13.78
N LEU A 138 22.22 14.65 -14.25
CA LEU A 138 21.55 15.64 -15.07
C LEU A 138 20.85 14.99 -16.27
N GLU A 139 21.52 14.03 -16.90
CA GLU A 139 20.96 13.37 -18.05
C GLU A 139 19.61 12.76 -17.72
N HIS A 140 19.49 12.16 -16.55
CA HIS A 140 18.21 11.57 -16.13
C HIS A 140 17.14 12.64 -16.00
N LEU A 141 17.49 13.73 -15.31
CA LEU A 141 16.58 14.82 -15.10
C LEU A 141 16.10 15.45 -16.40
N ILE A 142 17.02 15.68 -17.32
CA ILE A 142 16.64 16.28 -18.60
C ILE A 142 15.89 15.26 -19.43
N CYS A 143 16.23 13.99 -19.28
CA CYS A 143 15.57 12.93 -20.04
C CYS A 143 14.10 12.83 -19.64
N TYR A 144 13.82 12.85 -18.33
CA TYR A 144 12.45 12.79 -17.84
C TYR A 144 11.68 14.00 -18.34
N SER A 145 12.35 15.14 -18.38
CA SER A 145 11.72 16.37 -18.85
C SER A 145 11.44 16.31 -20.33
N PHE A 146 12.31 15.64 -21.06
CA PHE A 146 12.14 15.51 -22.50
C PHE A 146 10.91 14.64 -22.78
N GLN A 147 10.86 13.48 -22.13
CA GLN A 147 9.75 12.54 -22.29
C GLN A 147 8.38 13.13 -21.97
N VAL A 148 8.29 13.83 -20.83
CA VAL A 148 7.02 14.42 -20.42
C VAL A 148 6.60 15.43 -21.47
N ALA A 149 7.57 16.09 -22.08
CA ALA A 149 7.27 17.07 -23.11
C ALA A 149 6.72 16.37 -24.36
N LYS A 150 7.33 15.26 -24.73
CA LYS A 150 6.84 14.53 -25.88
C LYS A 150 5.43 14.02 -25.64
N GLY A 151 5.15 13.59 -24.43
CA GLY A 151 3.81 13.09 -24.14
C GLY A 151 2.79 14.22 -24.15
N MET A 152 3.23 15.44 -23.86
CA MET A 152 2.31 16.56 -23.85
C MET A 152 2.11 17.06 -25.27
N GLU A 153 3.16 16.95 -26.09
CA GLU A 153 3.07 17.37 -27.49
C GLU A 153 2.05 16.41 -28.14
N PHE A 154 2.11 15.15 -27.74
CA PHE A 154 1.18 14.13 -28.21
C PHE A 154 -0.24 14.54 -27.84
N LEU A 155 -0.50 14.60 -26.54
CA LEU A 155 -1.81 15.02 -26.02
C LEU A 155 -2.31 16.33 -26.63
N ALA A 156 -1.40 17.28 -26.84
CA ALA A 156 -1.77 18.56 -27.42
C ALA A 156 -2.24 18.35 -28.86
N SER A 157 -1.56 17.44 -29.54
CA SER A 157 -1.86 17.10 -30.92
C SER A 157 -3.21 16.44 -31.04
N ARG A 158 -3.83 16.07 -29.92
CA ARG A 158 -5.16 15.47 -29.98
C ARG A 158 -6.24 16.32 -29.35
N LYS A 159 -5.96 17.62 -29.21
CA LYS A 159 -6.91 18.56 -28.62
C LYS A 159 -7.17 18.34 -27.13
N CYS A 160 -6.31 17.54 -26.50
CA CYS A 160 -6.46 17.29 -25.07
C CYS A 160 -5.83 18.43 -24.28
N ILE A 161 -6.23 18.51 -23.01
CA ILE A 161 -5.74 19.53 -22.07
C ILE A 161 -5.74 18.90 -20.69
N HIS A 162 -4.56 18.59 -20.18
CA HIS A 162 -4.44 17.95 -18.87
C HIS A 162 -5.18 18.66 -17.75
N ARG A 163 -4.91 19.95 -17.55
CA ARG A 163 -5.60 20.70 -16.49
C ARG A 163 -4.98 20.46 -15.11
N ASP A 164 -4.13 19.45 -15.00
CA ASP A 164 -3.50 19.18 -13.72
C ASP A 164 -2.16 18.46 -13.89
N LEU A 165 -1.31 19.02 -14.73
CA LEU A 165 0.02 18.48 -14.98
C LEU A 165 0.96 18.88 -13.85
N ALA A 166 1.43 17.89 -13.10
CA ALA A 166 2.35 18.10 -11.99
C ALA A 166 3.19 16.82 -11.81
N ALA A 167 4.21 16.88 -10.95
CA ALA A 167 5.04 15.72 -10.73
C ALA A 167 4.27 14.59 -10.05
N ARG A 168 3.25 14.92 -9.27
CA ARG A 168 2.48 13.86 -8.62
C ARG A 168 1.71 13.04 -9.65
N ASN A 169 1.62 13.53 -10.88
CA ASN A 169 0.90 12.81 -11.94
C ASN A 169 1.81 12.24 -13.04
N ILE A 170 3.05 11.96 -12.66
CA ILE A 170 4.01 11.39 -13.58
C ILE A 170 4.46 10.07 -12.97
N LEU A 171 4.32 8.99 -13.71
CA LEU A 171 4.72 7.69 -13.18
C LEU A 171 6.07 7.28 -13.73
N LEU A 172 6.82 6.50 -12.97
CA LEU A 172 8.13 6.04 -13.41
C LEU A 172 8.19 4.51 -13.53
N SER A 173 8.62 4.05 -14.70
CA SER A 173 8.73 2.63 -15.00
C SER A 173 10.15 2.15 -15.05
N GLU A 174 10.30 0.98 -15.64
CA GLU A 174 11.60 0.36 -15.81
C GLU A 174 12.42 1.21 -16.77
N LYS A 175 13.73 1.12 -16.65
CA LYS A 175 14.66 1.82 -17.51
C LYS A 175 14.41 3.32 -17.76
N ASN A 176 14.12 4.05 -16.70
CA ASN A 176 13.88 5.50 -16.79
C ASN A 176 12.92 5.99 -17.85
N VAL A 177 11.77 5.35 -17.92
CA VAL A 177 10.73 5.75 -18.85
C VAL A 177 9.61 6.34 -17.98
N VAL A 178 9.30 7.62 -18.16
CA VAL A 178 8.22 8.22 -17.38
C VAL A 178 6.92 8.27 -18.18
N LYS A 179 5.80 8.28 -17.48
CA LYS A 179 4.51 8.32 -18.16
C LYS A 179 3.54 9.27 -17.49
N ILE A 180 2.79 9.99 -18.31
CA ILE A 180 1.81 10.95 -17.83
C ILE A 180 0.52 10.21 -17.48
N CYS A 181 0.06 10.40 -16.26
CA CYS A 181 -1.18 9.76 -15.86
C CYS A 181 -2.03 10.84 -15.25
N ASP A 182 -3.14 10.47 -14.64
CA ASP A 182 -4.01 11.47 -14.03
C ASP A 182 -4.81 10.85 -12.87
N PHE A 183 -4.41 11.11 -11.64
CA PHE A 183 -5.13 10.59 -10.50
C PHE A 183 -6.33 11.46 -10.18
N LEU A 203 -1.50 21.57 -2.86
CA LEU A 203 -2.61 22.40 -3.32
C LEU A 203 -2.40 22.85 -4.76
N PRO A 204 -3.26 22.38 -5.67
CA PRO A 204 -3.25 22.69 -7.10
C PRO A 204 -3.08 24.14 -7.52
N LEU A 205 -3.36 25.10 -6.64
CA LEU A 205 -3.20 26.50 -7.04
C LEU A 205 -1.77 26.73 -7.49
N LYS A 206 -0.84 26.09 -6.78
CA LYS A 206 0.58 26.24 -7.08
C LYS A 206 1.03 25.81 -8.46
N TRP A 207 0.15 25.19 -9.24
CA TRP A 207 0.50 24.73 -10.57
C TRP A 207 -0.29 25.44 -11.64
N MET A 208 -1.28 26.22 -11.24
CA MET A 208 -2.15 26.94 -12.16
C MET A 208 -1.58 28.26 -12.66
N ALA A 209 -1.89 28.58 -13.91
CA ALA A 209 -1.45 29.83 -14.54
C ALA A 209 -2.43 30.94 -14.15
N PRO A 210 -1.98 32.21 -14.20
CA PRO A 210 -2.75 33.40 -13.86
C PRO A 210 -4.16 33.44 -14.47
N GLU A 211 -4.28 33.22 -15.77
CA GLU A 211 -5.60 33.24 -16.40
C GLU A 211 -6.47 32.10 -15.86
N THR A 212 -5.86 30.95 -15.59
CA THR A 212 -6.57 29.80 -15.07
C THR A 212 -7.12 30.05 -13.66
N ILE A 213 -6.40 30.84 -12.89
CA ILE A 213 -6.83 31.16 -11.54
C ILE A 213 -7.85 32.32 -11.53
N PHE A 214 -7.66 33.33 -12.38
CA PHE A 214 -8.52 34.50 -12.37
C PHE A 214 -9.71 34.56 -13.30
N ASP A 215 -9.57 33.88 -14.44
CA ASP A 215 -10.65 33.83 -15.40
C ASP A 215 -11.17 32.41 -15.50
N ARG A 216 -10.49 31.43 -14.92
CA ARG A 216 -10.92 30.04 -14.95
C ARG A 216 -10.76 29.42 -16.33
N VAL A 217 -9.72 29.89 -17.00
CA VAL A 217 -9.46 29.43 -18.35
C VAL A 217 -8.38 28.36 -18.48
N TYR A 218 -8.80 27.22 -19.02
CA TYR A 218 -7.87 26.11 -19.26
C TYR A 218 -7.62 25.93 -20.76
N THR A 219 -6.38 26.13 -21.16
CA THR A 219 -5.96 25.98 -22.56
C THR A 219 -4.62 25.28 -22.64
N ILE A 220 -4.24 24.83 -23.83
CA ILE A 220 -2.96 24.13 -23.99
C ILE A 220 -1.81 24.97 -23.42
N GLN A 221 -1.92 26.29 -23.56
CA GLN A 221 -0.87 27.15 -23.06
C GLN A 221 -0.76 27.10 -21.54
N SER A 222 -1.91 27.05 -20.85
CA SER A 222 -1.88 27.01 -19.40
C SER A 222 -1.23 25.72 -18.90
N ASP A 223 -1.26 24.67 -19.72
CA ASP A 223 -0.61 23.41 -19.35
C ASP A 223 0.90 23.59 -19.49
N VAL A 224 1.32 24.50 -20.38
CA VAL A 224 2.74 24.75 -20.57
C VAL A 224 3.23 25.51 -19.34
N TRP A 225 2.34 26.35 -18.80
CA TRP A 225 2.66 27.07 -17.59
C TRP A 225 3.04 26.00 -16.59
N SER A 226 2.10 25.07 -16.39
CA SER A 226 2.27 23.96 -15.46
C SER A 226 3.49 23.09 -15.75
N PHE A 227 3.76 22.81 -17.02
CA PHE A 227 4.94 22.04 -17.40
C PHE A 227 6.15 22.75 -16.79
N GLY A 228 6.07 24.09 -16.76
CA GLY A 228 7.13 24.86 -16.16
C GLY A 228 7.24 24.58 -14.65
N VAL A 229 6.10 24.46 -13.98
CA VAL A 229 6.09 24.15 -12.55
C VAL A 229 6.65 22.73 -12.36
N LEU A 230 6.31 21.85 -13.30
CA LEU A 230 6.80 20.49 -13.28
C LEU A 230 8.32 20.49 -13.39
N LEU A 231 8.84 21.31 -14.32
CA LEU A 231 10.29 21.41 -14.53
C LEU A 231 11.00 21.74 -13.24
N TRP A 232 10.46 22.74 -12.54
CA TRP A 232 11.03 23.19 -11.28
C TRP A 232 11.05 22.04 -10.27
N GLU A 233 9.96 21.25 -10.24
CA GLU A 233 9.87 20.09 -9.33
C GLU A 233 10.97 19.07 -9.60
N ILE A 234 11.17 18.74 -10.86
CA ILE A 234 12.19 17.79 -11.26
C ILE A 234 13.58 18.24 -10.83
N PHE A 235 13.96 19.45 -11.24
CA PHE A 235 15.28 19.99 -10.91
C PHE A 235 15.44 20.54 -9.49
N SER A 236 14.55 20.12 -8.60
CA SER A 236 14.58 20.50 -7.20
C SER A 236 14.37 19.16 -6.51
N LEU A 237 14.60 18.10 -7.27
CA LEU A 237 14.46 16.72 -6.82
C LEU A 237 13.29 16.46 -5.91
N GLY A 238 12.08 16.71 -6.41
CA GLY A 238 10.88 16.46 -5.64
C GLY A 238 10.40 17.51 -4.66
N ALA A 239 11.00 18.71 -4.72
CA ALA A 239 10.63 19.79 -3.82
C ALA A 239 9.21 20.32 -4.03
N SER A 240 8.68 20.99 -3.01
CA SER A 240 7.35 21.55 -3.11
C SER A 240 7.49 22.97 -3.62
N PRO A 241 6.73 23.34 -4.65
CA PRO A 241 6.77 24.68 -5.23
C PRO A 241 6.38 25.81 -4.30
N TYR A 242 7.03 26.95 -4.48
CA TYR A 242 6.74 28.14 -3.68
C TYR A 242 6.86 27.85 -2.19
N PRO A 243 8.00 27.29 -1.78
CA PRO A 243 8.29 26.94 -0.40
C PRO A 243 8.10 28.08 0.61
N GLY A 244 7.45 27.75 1.73
CA GLY A 244 7.21 28.73 2.77
C GLY A 244 6.12 29.75 2.53
N VAL A 245 5.61 29.82 1.30
CA VAL A 245 4.57 30.78 0.97
C VAL A 245 3.19 30.23 1.34
N LYS A 246 2.29 31.08 1.81
CA LYS A 246 0.95 30.60 2.11
C LYS A 246 0.23 30.81 0.79
N ILE A 247 -0.75 29.96 0.51
CA ILE A 247 -1.48 30.10 -0.73
C ILE A 247 -2.78 30.86 -0.48
N ASP A 248 -2.61 32.16 -0.28
CA ASP A 248 -3.70 33.09 -0.02
C ASP A 248 -3.78 34.14 -1.14
N GLU A 249 -4.54 35.21 -0.90
CA GLU A 249 -4.70 36.26 -1.88
C GLU A 249 -3.41 36.92 -2.35
N GLU A 250 -2.47 37.12 -1.43
CA GLU A 250 -1.21 37.76 -1.80
C GLU A 250 -0.45 36.92 -2.82
N PHE A 251 -0.49 35.62 -2.66
CA PHE A 251 0.18 34.72 -3.59
C PHE A 251 -0.35 35.03 -4.98
N CYS A 252 -1.67 34.95 -5.12
CA CYS A 252 -2.37 35.21 -6.37
C CYS A 252 -2.02 36.56 -6.99
N ARG A 253 -1.83 37.58 -6.17
CA ARG A 253 -1.51 38.91 -6.66
C ARG A 253 -0.09 38.98 -7.21
N ARG A 254 0.86 38.40 -6.49
CA ARG A 254 2.25 38.41 -6.93
C ARG A 254 2.43 37.59 -8.20
N LEU A 255 1.66 36.53 -8.32
CA LEU A 255 1.73 35.68 -9.50
C LEU A 255 1.28 36.53 -10.69
N LYS A 256 0.21 37.27 -10.46
CA LYS A 256 -0.37 38.13 -11.47
C LYS A 256 0.54 39.34 -11.81
N GLU A 257 1.33 39.81 -10.86
CA GLU A 257 2.18 40.95 -11.13
C GLU A 257 3.53 40.65 -11.75
N GLY A 258 3.86 39.37 -11.90
CA GLY A 258 5.13 39.01 -12.51
C GLY A 258 6.17 38.33 -11.63
N THR A 259 5.83 38.04 -10.38
CA THR A 259 6.76 37.38 -9.45
C THR A 259 6.95 35.91 -9.82
N ARG A 260 8.18 35.43 -9.78
CA ARG A 260 8.44 34.03 -10.14
C ARG A 260 9.37 33.30 -9.17
N MET A 261 9.35 31.96 -9.21
CA MET A 261 10.20 31.15 -8.35
C MET A 261 11.67 31.35 -8.71
N ARG A 262 12.54 31.14 -7.72
CA ARG A 262 13.98 31.26 -7.96
C ARG A 262 14.46 29.93 -8.56
N ALA A 263 15.69 29.91 -9.09
CA ALA A 263 16.22 28.68 -9.68
C ALA A 263 16.39 27.59 -8.65
N PRO A 264 15.97 26.34 -8.99
CA PRO A 264 16.09 25.22 -8.06
C PRO A 264 17.54 24.74 -7.93
N ASP A 265 17.81 23.94 -6.90
CA ASP A 265 19.15 23.48 -6.61
C ASP A 265 19.87 22.61 -7.64
N TYR A 266 19.14 21.86 -8.45
CA TYR A 266 19.80 20.98 -9.43
C TYR A 266 19.62 21.45 -10.86
N THR A 267 19.19 22.69 -11.02
CA THR A 267 18.98 23.21 -12.36
C THR A 267 20.24 23.63 -13.08
N THR A 268 20.13 23.76 -14.39
CA THR A 268 21.21 24.27 -15.22
C THR A 268 20.68 25.65 -15.64
N PRO A 269 21.53 26.51 -16.19
CA PRO A 269 21.07 27.85 -16.60
C PRO A 269 20.00 27.84 -17.71
N GLU A 270 20.24 27.06 -18.77
CA GLU A 270 19.31 26.97 -19.88
C GLU A 270 17.98 26.44 -19.38
N MET A 271 18.05 25.42 -18.53
CA MET A 271 16.83 24.82 -18.01
C MET A 271 15.99 25.82 -17.23
N TYR A 272 16.62 26.54 -16.31
CA TYR A 272 15.86 27.50 -15.52
C TYR A 272 15.20 28.55 -16.39
N GLN A 273 15.89 28.93 -17.45
CA GLN A 273 15.37 29.93 -18.36
C GLN A 273 14.11 29.36 -19.03
N THR A 274 14.14 28.08 -19.38
CA THR A 274 12.98 27.44 -19.99
C THR A 274 11.81 27.49 -19.00
N MET A 275 12.14 27.43 -17.70
CA MET A 275 11.12 27.49 -16.68
C MET A 275 10.47 28.86 -16.74
N LEU A 276 11.30 29.89 -16.96
CA LEU A 276 10.81 31.27 -17.04
C LEU A 276 9.94 31.51 -18.25
N ASP A 277 10.33 30.93 -19.39
CA ASP A 277 9.57 31.07 -20.61
C ASP A 277 8.17 30.48 -20.49
N CYS A 278 8.08 29.34 -19.80
CA CYS A 278 6.80 28.68 -19.61
C CYS A 278 5.92 29.50 -18.72
N TRP A 279 6.55 30.31 -17.86
CA TRP A 279 5.81 31.14 -16.92
C TRP A 279 5.60 32.55 -17.42
N HIS A 280 5.50 32.68 -18.74
CA HIS A 280 5.27 33.98 -19.33
C HIS A 280 3.84 34.40 -18.99
N GLY A 281 3.65 35.68 -18.67
CA GLY A 281 2.31 36.15 -18.36
C GLY A 281 1.41 36.01 -19.57
N GLU A 282 1.87 36.45 -20.74
CA GLU A 282 1.14 36.38 -22.00
C GLU A 282 1.17 34.93 -22.52
N PRO A 283 0.05 34.22 -22.39
CA PRO A 283 -0.09 32.83 -22.83
C PRO A 283 0.42 32.56 -24.24
N SER A 284 0.16 33.47 -25.16
CA SER A 284 0.60 33.26 -26.53
C SER A 284 2.11 33.32 -26.62
N GLN A 285 2.75 34.04 -25.69
CA GLN A 285 4.20 34.19 -25.68
C GLN A 285 4.95 33.05 -25.00
N ARG A 286 4.22 32.01 -24.57
CA ARG A 286 4.85 30.86 -23.92
C ARG A 286 5.28 29.91 -25.04
N PRO A 287 6.38 29.15 -24.86
CA PRO A 287 6.68 28.27 -25.99
C PRO A 287 5.55 27.25 -26.15
N THR A 288 5.70 26.34 -27.11
CA THR A 288 4.69 25.30 -27.31
C THR A 288 5.34 23.98 -26.93
N PHE A 289 4.56 22.92 -26.83
CA PHE A 289 5.18 21.66 -26.48
C PHE A 289 6.09 21.17 -27.60
N SER A 290 5.85 21.61 -28.84
CA SER A 290 6.74 21.18 -29.92
C SER A 290 8.06 21.93 -29.83
N GLU A 291 7.97 23.20 -29.47
CA GLU A 291 9.17 24.01 -29.32
C GLU A 291 9.96 23.47 -28.14
N LEU A 292 9.24 23.01 -27.11
CA LEU A 292 9.88 22.47 -25.92
C LEU A 292 10.55 21.15 -26.21
N VAL A 293 9.94 20.31 -27.03
CA VAL A 293 10.57 19.03 -27.34
C VAL A 293 11.86 19.32 -28.11
N GLU A 294 11.73 20.20 -29.09
CA GLU A 294 12.84 20.61 -29.92
C GLU A 294 13.95 21.14 -29.02
N HIS A 295 13.61 21.97 -28.05
CA HIS A 295 14.62 22.55 -27.17
C HIS A 295 15.26 21.58 -26.14
N LEU A 296 14.47 20.74 -25.48
CA LEU A 296 15.04 19.82 -24.51
C LEU A 296 15.87 18.74 -25.20
N GLY A 297 15.41 18.32 -26.38
CA GLY A 297 16.16 17.33 -27.11
C GLY A 297 17.59 17.81 -27.29
N ASN A 298 17.73 19.06 -27.71
CA ASN A 298 19.05 19.67 -27.89
C ASN A 298 19.80 19.71 -26.57
N LEU A 299 19.16 20.25 -25.54
CA LEU A 299 19.81 20.33 -24.24
C LEU A 299 20.32 18.97 -23.78
N LEU A 300 19.54 17.92 -24.06
CA LEU A 300 19.94 16.58 -23.70
C LEU A 300 21.15 16.13 -24.53
N GLN A 301 21.13 16.43 -25.82
CA GLN A 301 22.23 16.05 -26.68
C GLN A 301 23.55 16.73 -26.35
N ALA A 302 23.46 17.95 -25.82
CA ALA A 302 24.64 18.70 -25.46
C ALA A 302 25.21 18.16 -24.17
N ASN A 303 24.32 17.88 -23.21
CA ASN A 303 24.75 17.37 -21.92
C ASN A 303 25.48 16.08 -22.18
N ALA A 304 24.91 15.31 -23.10
CA ALA A 304 25.47 14.02 -23.47
C ALA A 304 26.87 14.21 -23.99
N GLN A 305 27.05 15.16 -24.89
CA GLN A 305 28.36 15.42 -25.47
C GLN A 305 29.37 15.83 -24.40
N GLN A 306 28.99 16.79 -23.56
CA GLN A 306 29.87 17.25 -22.50
C GLN A 306 30.23 16.05 -21.65
N ASP A 307 29.21 15.27 -21.28
CA ASP A 307 29.41 14.08 -20.47
C ASP A 307 30.38 13.11 -21.12
N ARG A 308 30.37 13.06 -22.45
CA ARG A 308 31.29 12.20 -23.17
C ARG A 308 32.71 12.74 -22.97
N HIS A 309 32.88 14.06 -23.07
CA HIS A 309 34.20 14.63 -22.88
C HIS A 309 34.64 14.53 -21.43
N HIS A 310 33.71 14.66 -20.49
CA HIS A 310 34.08 14.56 -19.09
C HIS A 310 34.62 13.17 -18.81
N HIS A 311 33.91 12.18 -19.36
CA HIS A 311 34.24 10.78 -19.18
C HIS A 311 35.53 10.39 -19.87
N HIS A 312 35.78 11.00 -21.02
CA HIS A 312 36.97 10.68 -21.77
C HIS A 312 38.29 11.14 -21.16
N HIS A 313 38.32 12.39 -20.69
CA HIS A 313 39.53 12.93 -20.11
C HIS A 313 39.94 12.29 -18.79
N HIS A 314 38.98 12.09 -17.90
CA HIS A 314 39.28 11.52 -16.59
C HIS A 314 39.02 10.02 -16.47
N LEU B 6 -26.64 -19.57 18.55
CA LEU B 6 -26.10 -18.76 17.41
C LEU B 6 -26.60 -19.32 16.07
N PRO B 7 -27.42 -18.54 15.33
CA PRO B 7 -28.01 -18.89 14.03
C PRO B 7 -27.06 -18.78 12.81
N TYR B 8 -27.42 -19.47 11.72
CA TYR B 8 -26.59 -19.42 10.52
C TYR B 8 -27.33 -18.85 9.31
N ASP B 9 -27.07 -17.58 9.01
CA ASP B 9 -27.69 -16.92 7.87
C ASP B 9 -27.09 -17.43 6.56
N ALA B 10 -27.65 -18.51 6.04
CA ALA B 10 -27.13 -19.08 4.80
C ALA B 10 -27.19 -18.13 3.59
N SER B 11 -28.15 -17.22 3.58
CA SER B 11 -28.28 -16.31 2.47
C SER B 11 -27.13 -15.32 2.34
N LYS B 12 -26.37 -15.16 3.42
CA LYS B 12 -25.26 -14.24 3.41
C LYS B 12 -23.91 -14.92 3.26
N TRP B 13 -23.70 -16.04 3.96
CA TRP B 13 -22.39 -16.71 3.92
C TRP B 13 -22.13 -17.94 3.06
N GLU B 14 -23.17 -18.55 2.51
CA GLU B 14 -22.98 -19.76 1.70
C GLU B 14 -22.28 -19.52 0.37
N PHE B 15 -21.23 -20.28 0.11
CA PHE B 15 -20.47 -20.13 -1.13
C PHE B 15 -20.33 -21.46 -1.87
N PRO B 16 -20.63 -21.47 -3.17
CA PRO B 16 -20.57 -22.63 -4.07
C PRO B 16 -19.26 -23.41 -4.04
N ARG B 17 -19.31 -24.67 -3.64
CA ARG B 17 -18.12 -25.51 -3.59
C ARG B 17 -17.34 -25.55 -4.91
N ASP B 18 -18.03 -25.45 -6.03
CA ASP B 18 -17.36 -25.51 -7.32
C ASP B 18 -16.88 -24.16 -7.79
N ARG B 19 -16.94 -23.19 -6.90
CA ARG B 19 -16.44 -21.86 -7.23
C ARG B 19 -15.09 -21.68 -6.53
N LEU B 20 -14.60 -22.77 -5.94
CA LEU B 20 -13.31 -22.79 -5.25
C LEU B 20 -12.36 -23.79 -5.87
N LYS B 21 -11.13 -23.38 -6.10
CA LYS B 21 -10.12 -24.26 -6.64
C LYS B 21 -9.07 -24.39 -5.56
N LEU B 22 -9.08 -25.51 -4.85
CA LEU B 22 -8.17 -25.79 -3.76
C LEU B 22 -6.74 -25.97 -4.24
N GLY B 23 -5.78 -25.42 -3.51
CA GLY B 23 -4.38 -25.57 -3.90
C GLY B 23 -3.51 -26.18 -2.82
N LYS B 24 -2.28 -25.69 -2.72
CA LYS B 24 -1.33 -26.18 -1.71
C LYS B 24 -1.84 -25.96 -0.30
N PRO B 25 -1.61 -26.93 0.61
CA PRO B 25 -2.07 -26.79 1.99
C PRO B 25 -1.19 -25.81 2.76
N LEU B 26 -1.73 -25.30 3.85
CA LEU B 26 -1.02 -24.34 4.70
C LEU B 26 -0.68 -24.99 6.03
N GLY B 27 -1.70 -25.45 6.76
CA GLY B 27 -1.46 -26.08 8.05
C GLY B 27 -2.35 -27.28 8.31
N ARG B 28 -1.95 -28.13 9.26
CA ARG B 28 -2.73 -29.31 9.56
C ARG B 28 -2.77 -29.55 11.06
N GLY B 32 -8.86 -30.22 11.96
CA GLY B 32 -8.90 -30.13 10.51
C GLY B 32 -7.62 -29.61 9.89
N GLN B 33 -7.69 -29.19 8.62
CA GLN B 33 -6.52 -28.66 7.91
C GLN B 33 -6.87 -27.46 7.04
N VAL B 34 -5.98 -26.46 7.01
CA VAL B 34 -6.17 -25.23 6.25
C VAL B 34 -5.50 -25.33 4.88
N ILE B 35 -6.12 -24.75 3.88
CA ILE B 35 -5.58 -24.79 2.52
C ILE B 35 -5.76 -23.49 1.75
N GLU B 36 -4.80 -23.19 0.89
CA GLU B 36 -4.86 -21.99 0.07
C GLU B 36 -5.79 -22.32 -1.10
N ALA B 37 -6.51 -21.32 -1.60
CA ALA B 37 -7.42 -21.60 -2.70
C ALA B 37 -7.80 -20.38 -3.50
N ASP B 38 -8.50 -20.63 -4.60
CA ASP B 38 -8.98 -19.57 -5.49
C ASP B 38 -10.50 -19.50 -5.51
N ALA B 39 -11.04 -18.36 -5.12
CA ALA B 39 -12.47 -18.19 -5.12
C ALA B 39 -12.84 -17.16 -6.18
N PHE B 40 -13.55 -17.60 -7.20
CA PHE B 40 -13.97 -16.71 -8.26
C PHE B 40 -15.31 -16.05 -7.95
N GLY B 41 -15.29 -14.85 -7.39
CA GLY B 41 -16.54 -14.16 -7.09
C GLY B 41 -17.02 -14.23 -5.66
N ILE B 42 -16.10 -14.28 -4.70
CA ILE B 42 -16.54 -14.36 -3.31
C ILE B 42 -17.00 -13.03 -2.68
N ASP B 43 -16.59 -11.90 -3.25
CA ASP B 43 -17.03 -10.58 -2.75
C ASP B 43 -17.83 -9.86 -3.86
N LYS B 44 -17.96 -8.53 -3.79
CA LYS B 44 -18.72 -7.82 -4.82
C LYS B 44 -17.97 -7.51 -6.12
N THR B 45 -16.66 -7.32 -6.03
CA THR B 45 -15.85 -7.02 -7.21
C THR B 45 -16.06 -8.02 -8.35
N ALA B 46 -16.66 -9.16 -8.02
CA ALA B 46 -16.95 -10.23 -8.99
C ALA B 46 -15.69 -10.73 -9.67
N THR B 47 -14.58 -10.71 -8.94
CA THR B 47 -13.29 -11.12 -9.47
C THR B 47 -12.72 -12.39 -8.84
N CYS B 48 -11.52 -12.76 -9.25
CA CYS B 48 -10.89 -13.96 -8.71
C CYS B 48 -10.07 -13.57 -7.48
N ARG B 49 -10.17 -14.37 -6.42
CA ARG B 49 -9.46 -14.01 -5.20
C ARG B 49 -8.86 -15.18 -4.45
N THR B 50 -7.66 -14.96 -3.93
CA THR B 50 -6.97 -15.98 -3.16
C THR B 50 -7.54 -16.01 -1.76
N VAL B 51 -8.01 -17.17 -1.33
CA VAL B 51 -8.58 -17.32 0.00
C VAL B 51 -7.99 -18.51 0.77
N ALA B 52 -8.26 -18.57 2.06
CA ALA B 52 -7.76 -19.65 2.88
C ALA B 52 -8.97 -20.47 3.27
N VAL B 53 -8.92 -21.79 3.10
CA VAL B 53 -10.06 -22.64 3.43
C VAL B 53 -9.75 -23.73 4.45
N LYS B 54 -10.49 -23.73 5.56
CA LYS B 54 -10.31 -24.73 6.61
C LYS B 54 -11.38 -25.80 6.41
N MET B 55 -10.97 -27.05 6.23
CA MET B 55 -11.93 -28.12 6.00
C MET B 55 -11.57 -29.41 6.73
N LEU B 56 -12.59 -30.20 7.07
CA LEU B 56 -12.38 -31.47 7.77
C LEU B 56 -11.91 -32.59 6.86
N ALA B 60 -13.93 -38.37 9.77
CA ALA B 60 -13.89 -37.45 10.90
C ALA B 60 -15.20 -37.49 11.68
N THR B 61 -15.07 -37.36 13.00
CA THR B 61 -16.22 -37.40 13.90
C THR B 61 -17.06 -36.13 13.93
N HIS B 62 -18.37 -36.30 14.12
CA HIS B 62 -19.29 -35.18 14.19
C HIS B 62 -18.83 -34.24 15.29
N SER B 63 -18.02 -34.76 16.20
CA SER B 63 -17.50 -33.95 17.28
C SER B 63 -16.73 -32.79 16.63
N GLU B 64 -16.12 -33.09 15.49
CA GLU B 64 -15.34 -32.10 14.76
C GLU B 64 -16.19 -31.24 13.86
N HIS B 65 -17.15 -31.85 13.18
CA HIS B 65 -18.06 -31.09 12.31
C HIS B 65 -18.71 -30.01 13.17
N ARG B 66 -19.40 -30.45 14.21
CA ARG B 66 -20.07 -29.55 15.15
C ARG B 66 -19.08 -28.49 15.69
N ALA B 67 -17.82 -28.90 15.82
CA ALA B 67 -16.76 -28.02 16.32
C ALA B 67 -16.37 -26.98 15.29
N LEU B 68 -16.25 -27.41 14.04
CA LEU B 68 -15.90 -26.51 12.96
C LEU B 68 -17.05 -25.53 12.81
N MET B 69 -18.27 -26.07 12.72
CA MET B 69 -19.45 -25.23 12.58
C MET B 69 -19.54 -24.15 13.64
N SER B 70 -19.47 -24.52 14.91
CA SER B 70 -19.57 -23.54 15.98
C SER B 70 -18.47 -22.52 15.85
N GLU B 71 -17.33 -22.95 15.33
CA GLU B 71 -16.20 -22.03 15.15
C GLU B 71 -16.58 -20.98 14.10
N LEU B 72 -17.36 -21.41 13.12
CA LEU B 72 -17.84 -20.54 12.06
C LEU B 72 -18.75 -19.48 12.67
N LYS B 73 -19.82 -19.94 13.31
CA LYS B 73 -20.79 -19.06 13.92
C LYS B 73 -20.15 -18.03 14.83
N ILE B 74 -19.05 -18.40 15.48
CA ILE B 74 -18.34 -17.49 16.38
C ILE B 74 -17.77 -16.31 15.58
N LEU B 75 -17.24 -16.60 14.41
CA LEU B 75 -16.68 -15.59 13.53
C LEU B 75 -17.80 -14.70 13.02
N ILE B 76 -18.94 -15.32 12.75
CA ILE B 76 -20.09 -14.58 12.28
C ILE B 76 -20.53 -13.66 13.41
N HIS B 77 -20.46 -14.19 14.63
CA HIS B 77 -20.87 -13.45 15.81
C HIS B 77 -19.98 -12.27 16.14
N ILE B 78 -18.67 -12.48 16.12
CA ILE B 78 -17.72 -11.44 16.43
C ILE B 78 -17.89 -10.24 15.50
N GLY B 79 -18.09 -10.52 14.22
CA GLY B 79 -18.26 -9.44 13.26
C GLY B 79 -16.97 -9.09 12.57
N HIS B 80 -16.97 -7.97 11.87
CA HIS B 80 -15.78 -7.55 11.15
C HIS B 80 -14.92 -6.52 11.84
N HIS B 81 -13.62 -6.74 11.77
CA HIS B 81 -12.64 -5.83 12.32
C HIS B 81 -11.39 -5.95 11.45
N LEU B 82 -10.70 -4.85 11.23
CA LEU B 82 -9.50 -4.86 10.40
C LEU B 82 -8.41 -5.75 10.93
N ASN B 83 -8.31 -5.87 12.25
CA ASN B 83 -7.25 -6.68 12.84
C ASN B 83 -7.61 -8.11 13.23
N VAL B 84 -8.75 -8.59 12.75
CA VAL B 84 -9.12 -9.97 13.03
C VAL B 84 -9.36 -10.64 11.68
N VAL B 85 -8.63 -11.73 11.42
CA VAL B 85 -8.75 -12.48 10.18
C VAL B 85 -10.20 -12.44 9.71
N ASN B 86 -10.43 -12.05 8.46
CA ASN B 86 -11.79 -11.92 7.96
C ASN B 86 -12.46 -13.17 7.42
N LEU B 87 -13.74 -13.32 7.76
CA LEU B 87 -14.54 -14.45 7.28
C LEU B 87 -15.12 -14.00 5.95
N LEU B 88 -14.94 -14.78 4.89
CA LEU B 88 -15.49 -14.40 3.58
C LEU B 88 -16.71 -15.23 3.21
N GLY B 89 -16.81 -16.42 3.80
CA GLY B 89 -17.92 -17.29 3.51
C GLY B 89 -17.73 -18.72 4.00
N ALA B 90 -18.60 -19.61 3.52
CA ALA B 90 -18.54 -21.01 3.92
C ALA B 90 -19.37 -21.93 3.03
N CYS B 91 -19.04 -23.22 3.07
CA CYS B 91 -19.75 -24.22 2.29
C CYS B 91 -20.29 -25.24 3.27
N THR B 92 -21.57 -25.10 3.62
CA THR B 92 -22.22 -25.97 4.58
C THR B 92 -23.23 -26.93 3.96
N LYS B 93 -23.80 -26.56 2.82
CA LYS B 93 -24.81 -27.36 2.14
C LYS B 93 -24.40 -28.79 1.81
N PRO B 94 -25.37 -29.71 1.81
CA PRO B 94 -25.08 -31.12 1.50
C PRO B 94 -24.53 -31.21 0.07
N GLY B 95 -23.49 -32.02 -0.12
CA GLY B 95 -22.90 -32.16 -1.45
C GLY B 95 -21.38 -32.31 -1.42
N GLY B 96 -20.76 -31.76 -0.38
CA GLY B 96 -19.32 -31.86 -0.26
C GLY B 96 -18.93 -31.65 1.18
N PRO B 97 -17.63 -31.52 1.48
CA PRO B 97 -17.15 -31.32 2.85
C PRO B 97 -17.39 -29.91 3.38
N LEU B 98 -17.47 -29.78 4.70
CA LEU B 98 -17.72 -28.49 5.31
C LEU B 98 -16.46 -27.67 5.13
N MET B 99 -16.62 -26.40 4.78
CA MET B 99 -15.48 -25.51 4.56
C MET B 99 -15.76 -24.11 5.08
N VAL B 100 -14.79 -23.52 5.76
CA VAL B 100 -14.92 -22.16 6.28
C VAL B 100 -13.86 -21.34 5.55
N ILE B 101 -14.28 -20.26 4.90
CA ILE B 101 -13.36 -19.44 4.12
C ILE B 101 -13.03 -18.06 4.70
N THR B 102 -11.74 -17.75 4.77
CA THR B 102 -11.30 -16.46 5.28
C THR B 102 -10.33 -15.82 4.32
N GLU B 103 -10.13 -14.52 4.49
CA GLU B 103 -9.22 -13.76 3.66
C GLU B 103 -7.83 -14.38 3.74
N PHE B 104 -7.00 -14.18 2.71
CA PHE B 104 -5.65 -14.73 2.72
C PHE B 104 -4.63 -13.68 3.14
N CYS B 105 -3.75 -14.04 4.06
CA CYS B 105 -2.71 -13.13 4.51
C CYS B 105 -1.45 -13.79 3.98
N LYS B 106 -0.95 -13.28 2.87
CA LYS B 106 0.20 -13.92 2.25
C LYS B 106 1.54 -13.99 2.97
N PHE B 107 1.71 -13.25 4.07
CA PHE B 107 3.01 -13.31 4.72
C PHE B 107 3.14 -14.30 5.88
N GLY B 108 2.03 -14.95 6.25
CA GLY B 108 2.07 -15.95 7.31
C GLY B 108 2.07 -15.48 8.76
N ASN B 109 2.41 -16.38 9.69
CA ASN B 109 2.43 -16.03 11.10
C ASN B 109 3.59 -15.03 11.35
N LEU B 110 3.33 -14.07 12.24
CA LEU B 110 4.27 -13.02 12.56
C LEU B 110 5.61 -13.43 13.10
N SER B 111 5.65 -14.53 13.84
CA SER B 111 6.89 -15.00 14.43
C SER B 111 7.89 -15.43 13.39
N THR B 112 7.47 -16.19 12.38
CA THR B 112 8.41 -16.60 11.35
C THR B 112 8.81 -15.40 10.48
N TYR B 113 7.84 -14.56 10.13
CA TYR B 113 8.15 -13.37 9.34
C TYR B 113 9.19 -12.53 10.10
N LEU B 114 8.90 -12.20 11.35
CA LEU B 114 9.83 -11.41 12.16
C LEU B 114 11.19 -12.11 12.24
N ARG B 115 11.16 -13.41 12.54
CA ARG B 115 12.38 -14.19 12.66
C ARG B 115 13.22 -14.07 11.41
N SER B 116 12.58 -13.83 10.26
CA SER B 116 13.30 -13.72 8.99
C SER B 116 13.82 -12.33 8.62
N LYS B 117 13.49 -11.32 9.41
CA LYS B 117 13.93 -9.96 9.11
C LYS B 117 15.00 -9.50 10.08
N ARG B 118 15.58 -10.42 10.83
CA ARG B 118 16.60 -10.04 11.79
C ARG B 118 17.82 -9.44 11.09
N ASN B 119 17.91 -9.65 9.78
CA ASN B 119 19.02 -9.13 9.01
C ASN B 119 18.60 -7.93 8.20
N GLU B 120 17.48 -7.35 8.57
CA GLU B 120 16.97 -6.21 7.86
C GLU B 120 16.25 -5.33 8.85
N PHE B 121 16.87 -5.14 9.99
CA PHE B 121 16.26 -4.32 11.00
C PHE B 121 17.15 -3.15 11.39
N VAL B 122 16.50 -1.99 11.52
CA VAL B 122 17.17 -0.77 11.93
C VAL B 122 16.15 -0.18 12.89
N PRO B 123 16.58 0.15 14.12
CA PRO B 123 15.68 0.72 15.12
C PRO B 123 15.13 2.07 14.66
N TYR B 124 16.02 2.91 14.18
CA TYR B 124 15.69 4.25 13.70
C TYR B 124 14.82 4.28 12.45
N LYS B 125 15.15 5.18 11.51
CA LYS B 125 14.40 5.32 10.25
C LYS B 125 15.14 4.77 9.03
N TYR B 132 15.13 3.78 0.85
CA TYR B 132 14.81 2.75 1.82
C TYR B 132 13.73 1.78 1.34
N LYS B 133 14.01 0.48 1.39
CA LYS B 133 13.04 -0.52 0.93
C LYS B 133 13.05 -1.87 1.64
N ASP B 134 11.96 -2.15 2.37
CA ASP B 134 11.78 -3.44 3.04
C ASP B 134 12.54 -3.71 4.32
N PHE B 135 12.71 -2.68 5.14
CA PHE B 135 13.42 -2.84 6.41
C PHE B 135 12.42 -2.79 7.55
N LEU B 136 12.63 -3.60 8.58
CA LEU B 136 11.76 -3.59 9.74
C LEU B 136 12.32 -2.51 10.67
N THR B 137 11.46 -1.80 11.38
CA THR B 137 11.91 -0.76 12.28
C THR B 137 11.10 -0.78 13.57
N LEU B 138 11.52 -0.02 14.57
CA LEU B 138 10.78 0.02 15.82
C LEU B 138 9.34 0.40 15.54
N GLU B 139 9.13 1.36 14.64
CA GLU B 139 7.79 1.79 14.31
C GLU B 139 6.91 0.62 13.87
N HIS B 140 7.47 -0.28 13.08
CA HIS B 140 6.71 -1.44 12.63
C HIS B 140 6.31 -2.32 13.81
N LEU B 141 7.30 -2.63 14.65
CA LEU B 141 7.09 -3.45 15.83
C LEU B 141 6.00 -2.85 16.71
N ILE B 142 6.06 -1.55 16.95
CA ILE B 142 5.06 -0.88 17.76
C ILE B 142 3.71 -0.94 17.04
N CYS B 143 3.74 -0.59 15.76
CA CYS B 143 2.53 -0.62 14.94
C CYS B 143 1.84 -1.98 15.01
N TYR B 144 2.61 -3.07 14.91
CA TYR B 144 2.02 -4.40 15.00
C TYR B 144 1.39 -4.53 16.37
N SER B 145 2.18 -4.20 17.39
CA SER B 145 1.71 -4.26 18.77
C SER B 145 0.41 -3.50 18.95
N PHE B 146 0.35 -2.30 18.36
CA PHE B 146 -0.84 -1.46 18.43
C PHE B 146 -2.07 -2.11 17.80
N GLN B 147 -1.91 -2.64 16.60
CA GLN B 147 -3.03 -3.30 15.91
C GLN B 147 -3.51 -4.52 16.69
N VAL B 148 -2.58 -5.37 17.14
CA VAL B 148 -2.99 -6.56 17.85
C VAL B 148 -3.77 -6.19 19.10
N ALA B 149 -3.46 -5.04 19.69
CA ALA B 149 -4.19 -4.59 20.88
C ALA B 149 -5.61 -4.13 20.48
N LYS B 150 -5.74 -3.43 19.36
CA LYS B 150 -7.05 -2.98 18.91
C LYS B 150 -7.90 -4.21 18.57
N GLY B 151 -7.26 -5.22 18.02
CA GLY B 151 -7.97 -6.44 17.68
C GLY B 151 -8.53 -7.08 18.92
N MET B 152 -7.71 -7.17 19.97
CA MET B 152 -8.14 -7.78 21.23
C MET B 152 -9.21 -6.97 21.96
N GLU B 153 -9.10 -5.65 21.91
CA GLU B 153 -10.09 -4.79 22.55
C GLU B 153 -11.43 -5.12 21.91
N PHE B 154 -11.41 -5.21 20.59
CA PHE B 154 -12.60 -5.55 19.83
C PHE B 154 -13.18 -6.87 20.32
N LEU B 155 -12.36 -7.93 20.32
CA LEU B 155 -12.82 -9.25 20.77
C LEU B 155 -13.31 -9.26 22.22
N ALA B 156 -12.73 -8.39 23.05
CA ALA B 156 -13.13 -8.29 24.45
C ALA B 156 -14.50 -7.65 24.47
N SER B 157 -14.66 -6.59 23.67
CA SER B 157 -15.92 -5.85 23.58
C SER B 157 -17.09 -6.70 23.05
N ARG B 158 -16.84 -7.97 22.78
CA ARG B 158 -17.89 -8.84 22.27
C ARG B 158 -17.98 -10.04 23.16
N LYS B 159 -17.47 -9.89 24.38
CA LYS B 159 -17.48 -10.95 25.36
C LYS B 159 -16.81 -12.21 24.78
N CYS B 160 -15.60 -12.03 24.28
CA CYS B 160 -14.84 -13.14 23.72
C CYS B 160 -13.48 -13.21 24.39
N ILE B 161 -13.02 -14.43 24.59
CA ILE B 161 -11.73 -14.71 25.21
C ILE B 161 -10.92 -15.56 24.22
N HIS B 162 -9.77 -15.05 23.78
CA HIS B 162 -8.94 -15.75 22.81
C HIS B 162 -8.34 -17.04 23.35
N ARG B 163 -7.69 -16.93 24.50
CA ARG B 163 -7.09 -18.09 25.17
C ARG B 163 -5.77 -18.63 24.65
N ASP B 164 -5.38 -18.29 23.44
CA ASP B 164 -4.13 -18.82 22.90
C ASP B 164 -3.51 -17.73 22.05
N LEU B 165 -3.48 -16.53 22.62
CA LEU B 165 -2.92 -15.36 21.97
C LEU B 165 -1.39 -15.38 21.96
N ALA B 166 -0.84 -15.64 20.78
CA ALA B 166 0.61 -15.71 20.61
C ALA B 166 0.99 -15.26 19.22
N ALA B 167 2.29 -15.19 18.96
CA ALA B 167 2.82 -14.77 17.67
C ALA B 167 2.43 -15.77 16.58
N ARG B 168 2.41 -17.05 16.93
CA ARG B 168 2.06 -18.09 15.96
C ARG B 168 0.62 -17.92 15.47
N ASN B 169 -0.17 -17.16 16.22
CA ASN B 169 -1.56 -16.90 15.85
C ASN B 169 -1.81 -15.48 15.33
N ILE B 170 -0.78 -14.82 14.79
CA ILE B 170 -0.97 -13.49 14.22
C ILE B 170 -0.50 -13.50 12.78
N LEU B 171 -1.41 -13.25 11.85
CA LEU B 171 -1.06 -13.25 10.43
C LEU B 171 -0.71 -11.84 9.93
N LEU B 172 0.17 -11.78 8.94
CA LEU B 172 0.59 -10.53 8.34
C LEU B 172 0.08 -10.42 6.90
N SER B 173 -0.43 -9.25 6.53
CA SER B 173 -0.93 -9.04 5.17
C SER B 173 -0.19 -7.89 4.48
N GLU B 174 -0.79 -7.37 3.43
CA GLU B 174 -0.20 -6.25 2.68
C GLU B 174 -0.24 -4.98 3.52
N LYS B 175 0.71 -4.08 3.28
CA LYS B 175 0.80 -2.80 3.99
C LYS B 175 0.92 -2.95 5.52
N ASN B 176 1.75 -3.90 5.95
CA ASN B 176 1.96 -4.17 7.37
C ASN B 176 0.69 -4.16 8.20
N VAL B 177 -0.28 -4.95 7.79
CA VAL B 177 -1.52 -5.04 8.54
C VAL B 177 -1.55 -6.43 9.14
N VAL B 178 -1.64 -6.51 10.46
CA VAL B 178 -1.69 -7.81 11.11
C VAL B 178 -3.11 -8.16 11.45
N LYS B 179 -3.38 -9.45 11.58
CA LYS B 179 -4.71 -9.91 11.87
C LYS B 179 -4.66 -11.07 12.81
N ILE B 180 -5.57 -11.06 13.80
CA ILE B 180 -5.60 -12.13 14.77
C ILE B 180 -6.39 -13.29 14.20
N CYS B 181 -5.85 -14.49 14.34
CA CYS B 181 -6.56 -15.68 13.87
C CYS B 181 -6.42 -16.73 14.96
N ASP B 182 -6.74 -17.99 14.64
CA ASP B 182 -6.66 -19.05 15.63
C ASP B 182 -6.58 -20.40 14.91
N PHE B 183 -5.39 -21.01 14.90
CA PHE B 183 -5.20 -22.29 14.24
C PHE B 183 -5.58 -23.50 15.11
N GLY B 184 -4.68 -23.90 15.99
CA GLY B 184 -4.96 -25.03 16.85
C GLY B 184 -3.79 -25.45 17.72
N LEU B 185 -4.09 -25.79 18.97
CA LEU B 185 -3.07 -26.19 19.93
C LEU B 185 -2.75 -27.68 19.80
N ARG B 202 4.44 -29.34 25.81
CA ARG B 202 3.76 -28.46 26.75
C ARG B 202 4.11 -27.01 26.47
N LEU B 203 4.34 -26.71 25.19
CA LEU B 203 4.72 -25.37 24.75
C LEU B 203 3.77 -24.24 25.18
N PRO B 204 2.48 -24.34 24.83
CA PRO B 204 1.45 -23.33 25.16
C PRO B 204 1.42 -22.76 26.58
N LEU B 205 2.07 -23.43 27.52
CA LEU B 205 2.08 -22.98 28.91
C LEU B 205 2.96 -21.75 29.10
N LYS B 206 3.90 -21.54 28.18
CA LYS B 206 4.79 -20.39 28.26
C LYS B 206 4.02 -19.11 27.94
N TRP B 207 2.75 -19.26 27.58
CA TRP B 207 1.89 -18.13 27.24
C TRP B 207 0.76 -17.98 28.25
N MET B 208 0.57 -19.01 29.07
CA MET B 208 -0.51 -19.00 30.07
C MET B 208 -0.17 -18.26 31.36
N ALA B 209 -1.21 -17.62 31.92
CA ALA B 209 -1.12 -16.88 33.16
C ALA B 209 -1.23 -17.88 34.32
N PRO B 210 -0.67 -17.52 35.49
CA PRO B 210 -0.67 -18.33 36.70
C PRO B 210 -2.01 -18.96 37.08
N GLU B 211 -3.05 -18.16 37.17
CA GLU B 211 -4.36 -18.70 37.52
C GLU B 211 -4.84 -19.68 36.47
N THR B 212 -4.57 -19.37 35.21
CA THR B 212 -4.99 -20.24 34.12
C THR B 212 -4.30 -21.59 34.22
N ILE B 213 -3.05 -21.59 34.63
CA ILE B 213 -2.30 -22.84 34.75
C ILE B 213 -2.63 -23.56 36.04
N PHE B 214 -2.79 -22.80 37.12
CA PHE B 214 -3.07 -23.39 38.42
C PHE B 214 -4.54 -23.65 38.72
N ASP B 215 -5.41 -23.41 37.74
CA ASP B 215 -6.84 -23.62 37.91
C ASP B 215 -7.55 -24.05 36.63
N ARG B 216 -7.18 -23.41 35.53
CA ARG B 216 -7.77 -23.66 34.22
C ARG B 216 -8.86 -22.59 34.05
N VAL B 217 -8.51 -21.41 34.53
CA VAL B 217 -9.39 -20.24 34.50
C VAL B 217 -8.96 -19.30 33.37
N TYR B 218 -9.77 -19.26 32.31
CA TYR B 218 -9.48 -18.37 31.17
C TYR B 218 -10.39 -17.16 31.28
N THR B 219 -9.81 -15.97 31.29
CA THR B 219 -10.56 -14.73 31.40
C THR B 219 -9.85 -13.64 30.62
N ILE B 220 -10.60 -12.62 30.21
CA ILE B 220 -10.03 -11.50 29.46
C ILE B 220 -8.75 -11.00 30.11
N GLN B 221 -8.58 -11.23 31.39
CA GLN B 221 -7.34 -10.78 32.02
C GLN B 221 -6.18 -11.68 31.60
N SER B 222 -6.39 -12.99 31.68
CA SER B 222 -5.36 -13.95 31.31
C SER B 222 -4.90 -13.78 29.86
N ASP B 223 -5.72 -13.15 29.03
CA ASP B 223 -5.32 -12.90 27.65
C ASP B 223 -4.35 -11.73 27.65
N VAL B 224 -4.52 -10.79 28.58
CA VAL B 224 -3.63 -9.62 28.67
C VAL B 224 -2.28 -10.07 29.19
N TRP B 225 -2.24 -11.19 29.89
CA TRP B 225 -0.98 -11.73 30.35
C TRP B 225 -0.30 -12.20 29.07
N SER B 226 -1.04 -12.99 28.29
CA SER B 226 -0.60 -13.53 27.02
C SER B 226 -0.11 -12.43 26.08
N PHE B 227 -0.91 -11.38 25.95
CA PHE B 227 -0.52 -10.26 25.10
C PHE B 227 0.88 -9.84 25.55
N GLY B 228 1.12 -9.96 26.86
CA GLY B 228 2.42 -9.60 27.40
C GLY B 228 3.50 -10.44 26.74
N VAL B 229 3.28 -11.75 26.70
CA VAL B 229 4.22 -12.67 26.08
C VAL B 229 4.33 -12.39 24.58
N LEU B 230 3.20 -12.08 23.94
CA LEU B 230 3.21 -11.75 22.52
C LEU B 230 4.14 -10.58 22.28
N LEU B 231 4.01 -9.54 23.10
CA LEU B 231 4.88 -8.35 22.97
C LEU B 231 6.35 -8.72 23.05
N TRP B 232 6.69 -9.60 23.99
CA TRP B 232 8.08 -10.05 24.16
C TRP B 232 8.58 -10.69 22.86
N GLU B 233 7.74 -11.53 22.27
CA GLU B 233 8.06 -12.19 21.02
C GLU B 233 8.38 -11.16 19.93
N ILE B 234 7.45 -10.23 19.70
CA ILE B 234 7.66 -9.21 18.69
C ILE B 234 8.99 -8.50 18.90
N PHE B 235 9.19 -7.96 20.09
CA PHE B 235 10.42 -7.26 20.37
C PHE B 235 11.64 -8.15 20.61
N SER B 236 11.53 -9.42 20.26
CA SER B 236 12.65 -10.34 20.39
C SER B 236 12.82 -10.88 18.97
N LEU B 237 12.09 -10.24 18.05
CA LEU B 237 12.05 -10.60 16.64
C LEU B 237 11.91 -12.10 16.40
N GLY B 238 10.81 -12.64 16.91
CA GLY B 238 10.49 -14.04 16.72
C GLY B 238 11.21 -15.06 17.56
N ALA B 239 11.75 -14.63 18.69
CA ALA B 239 12.46 -15.56 19.58
C ALA B 239 11.43 -16.39 20.35
N SER B 240 11.90 -17.43 21.03
CA SER B 240 11.02 -18.30 21.80
C SER B 240 11.09 -17.92 23.28
N PRO B 241 9.92 -17.74 23.92
CA PRO B 241 9.83 -17.36 25.34
C PRO B 241 10.54 -18.29 26.31
N TYR B 242 11.00 -17.72 27.42
CA TYR B 242 11.72 -18.46 28.45
C TYR B 242 12.79 -19.38 27.89
N PRO B 243 13.73 -18.82 27.12
CA PRO B 243 14.79 -19.65 26.55
C PRO B 243 15.55 -20.46 27.59
N GLY B 244 15.98 -21.65 27.16
CA GLY B 244 16.75 -22.54 28.03
C GLY B 244 16.04 -23.10 29.24
N VAL B 245 14.79 -22.73 29.44
CA VAL B 245 14.04 -23.22 30.59
C VAL B 245 13.14 -24.38 30.22
N LYS B 246 12.75 -25.16 31.23
CA LYS B 246 11.86 -26.29 31.00
C LYS B 246 10.58 -26.00 31.78
N ILE B 247 9.47 -25.99 31.07
CA ILE B 247 8.18 -25.71 31.69
C ILE B 247 7.80 -26.82 32.65
N ASP B 248 7.79 -26.51 33.94
CA ASP B 248 7.46 -27.50 34.95
C ASP B 248 7.13 -26.83 36.27
N GLU B 249 7.29 -27.58 37.35
CA GLU B 249 7.01 -27.08 38.68
C GLU B 249 7.77 -25.81 39.04
N GLU B 250 9.09 -25.89 39.12
CA GLU B 250 9.88 -24.71 39.46
C GLU B 250 9.45 -23.52 38.61
N PHE B 251 8.95 -23.80 37.40
CA PHE B 251 8.51 -22.72 36.52
C PHE B 251 7.27 -22.07 37.15
N CYS B 252 6.28 -22.90 37.48
CA CYS B 252 5.03 -22.44 38.08
C CYS B 252 5.30 -21.82 39.44
N ARG B 253 6.21 -22.43 40.19
CA ARG B 253 6.55 -21.92 41.51
C ARG B 253 7.14 -20.53 41.38
N ARG B 254 8.31 -20.46 40.73
CA ARG B 254 9.02 -19.20 40.50
C ARG B 254 8.13 -18.14 39.88
N LEU B 255 7.23 -18.57 39.01
CA LEU B 255 6.29 -17.66 38.35
C LEU B 255 5.34 -17.15 39.44
N LYS B 256 4.99 -18.05 40.34
CA LYS B 256 4.10 -17.72 41.47
C LYS B 256 4.92 -16.82 42.39
N GLU B 257 6.24 -17.02 42.37
CA GLU B 257 7.12 -16.20 43.18
C GLU B 257 7.31 -14.85 42.52
N GLY B 258 6.85 -14.72 41.28
CA GLY B 258 6.98 -13.45 40.57
C GLY B 258 8.18 -13.28 39.64
N THR B 259 8.81 -14.39 39.25
CA THR B 259 9.95 -14.34 38.35
C THR B 259 9.48 -14.00 36.93
N ARG B 260 10.16 -13.06 36.29
CA ARG B 260 9.78 -12.65 34.94
C ARG B 260 10.91 -12.77 33.91
N MET B 261 10.55 -12.63 32.64
CA MET B 261 11.51 -12.69 31.55
C MET B 261 12.26 -11.39 31.45
N ARG B 262 13.54 -11.49 31.16
CA ARG B 262 14.38 -10.31 31.02
C ARG B 262 14.09 -9.69 29.66
N ALA B 263 14.10 -8.37 29.61
CA ALA B 263 13.82 -7.64 28.38
C ALA B 263 14.49 -8.25 27.16
N PRO B 264 13.75 -8.30 26.03
CA PRO B 264 14.20 -8.83 24.74
C PRO B 264 15.16 -7.83 24.09
N ASP B 265 15.88 -8.29 23.07
CA ASP B 265 16.88 -7.48 22.35
C ASP B 265 16.45 -6.20 21.61
N TYR B 266 15.24 -6.14 21.09
CA TYR B 266 14.86 -4.94 20.35
C TYR B 266 13.82 -4.10 21.08
N THR B 267 13.61 -4.41 22.35
CA THR B 267 12.64 -3.70 23.16
C THR B 267 13.11 -2.30 23.49
N THR B 268 12.19 -1.46 23.95
CA THR B 268 12.52 -0.10 24.38
C THR B 268 12.14 -0.14 25.85
N PRO B 269 12.46 0.92 26.61
CA PRO B 269 12.11 0.92 28.04
C PRO B 269 10.60 0.85 28.32
N GLU B 270 9.85 1.83 27.80
CA GLU B 270 8.41 1.88 27.99
C GLU B 270 7.71 0.58 27.60
N MET B 271 8.16 -0.01 26.49
CA MET B 271 7.59 -1.25 25.98
C MET B 271 7.83 -2.43 26.93
N TYR B 272 9.05 -2.57 27.43
CA TYR B 272 9.35 -3.67 28.33
C TYR B 272 8.49 -3.53 29.58
N GLN B 273 8.30 -2.28 30.02
CA GLN B 273 7.49 -2.03 31.20
C GLN B 273 6.10 -2.57 30.93
N THR B 274 5.57 -2.25 29.75
CA THR B 274 4.25 -2.71 29.35
C THR B 274 4.17 -4.22 29.48
N MET B 275 5.28 -4.89 29.20
CA MET B 275 5.33 -6.35 29.31
C MET B 275 5.18 -6.73 30.78
N LEU B 276 5.89 -6.03 31.66
CA LEU B 276 5.83 -6.33 33.08
C LEU B 276 4.43 -6.08 33.65
N ASP B 277 3.78 -5.02 33.17
CA ASP B 277 2.43 -4.74 33.65
C ASP B 277 1.47 -5.86 33.26
N CYS B 278 1.59 -6.34 32.03
CA CYS B 278 0.73 -7.41 31.56
C CYS B 278 0.93 -8.68 32.37
N TRP B 279 2.15 -8.92 32.83
CA TRP B 279 2.40 -10.12 33.61
C TRP B 279 2.28 -9.89 35.09
N HIS B 280 1.35 -9.02 35.48
CA HIS B 280 1.10 -8.73 36.89
C HIS B 280 0.48 -9.97 37.52
N GLY B 281 0.87 -10.28 38.76
CA GLY B 281 0.34 -11.45 39.44
C GLY B 281 -1.17 -11.34 39.65
N GLU B 282 -1.59 -10.16 40.07
CA GLU B 282 -2.99 -9.88 40.31
C GLU B 282 -3.70 -9.54 39.02
N PRO B 283 -4.55 -10.45 38.53
CA PRO B 283 -5.31 -10.28 37.29
C PRO B 283 -5.96 -8.91 37.20
N SER B 284 -6.54 -8.48 38.30
CA SER B 284 -7.22 -7.19 38.40
C SER B 284 -6.28 -6.01 38.28
N GLN B 285 -4.99 -6.26 38.44
CA GLN B 285 -4.02 -5.17 38.37
C GLN B 285 -3.31 -5.08 37.02
N ARG B 286 -3.63 -5.97 36.09
CA ARG B 286 -3.01 -5.92 34.76
C ARG B 286 -3.85 -4.92 34.00
N PRO B 287 -3.24 -4.19 33.06
CA PRO B 287 -4.05 -3.23 32.31
C PRO B 287 -5.13 -3.92 31.48
N THR B 288 -6.00 -3.12 30.88
CA THR B 288 -7.07 -3.61 30.04
C THR B 288 -6.67 -3.30 28.61
N PHE B 289 -7.21 -4.05 27.66
CA PHE B 289 -6.84 -3.82 26.28
C PHE B 289 -7.13 -2.40 25.86
N SER B 290 -8.13 -1.77 26.47
CA SER B 290 -8.45 -0.39 26.13
C SER B 290 -7.35 0.51 26.67
N GLU B 291 -6.82 0.17 27.84
CA GLU B 291 -5.74 0.96 28.41
C GLU B 291 -4.50 0.73 27.54
N LEU B 292 -4.33 -0.52 27.10
CA LEU B 292 -3.21 -0.90 26.25
C LEU B 292 -3.26 -0.19 24.91
N VAL B 293 -4.44 -0.18 24.28
CA VAL B 293 -4.62 0.47 22.99
C VAL B 293 -4.25 1.95 23.09
N GLU B 294 -4.61 2.57 24.21
CA GLU B 294 -4.28 3.96 24.38
C GLU B 294 -2.78 4.11 24.52
N HIS B 295 -2.22 3.47 25.54
CA HIS B 295 -0.78 3.55 25.77
C HIS B 295 0.08 3.36 24.53
N LEU B 296 -0.16 2.26 23.82
CA LEU B 296 0.61 1.94 22.62
C LEU B 296 0.41 2.98 21.52
N GLY B 297 -0.82 3.46 21.38
CA GLY B 297 -1.09 4.48 20.37
C GLY B 297 -0.16 5.64 20.64
N ASN B 298 -0.03 6.00 21.92
CA ASN B 298 0.84 7.08 22.32
C ASN B 298 2.29 6.76 21.97
N LEU B 299 2.80 5.63 22.46
CA LEU B 299 4.18 5.22 22.17
C LEU B 299 4.47 5.23 20.67
N LEU B 300 3.44 5.03 19.86
CA LEU B 300 3.59 5.01 18.41
C LEU B 300 3.65 6.39 17.79
N GLN B 301 2.72 7.27 18.15
CA GLN B 301 2.69 8.62 17.61
C GLN B 301 3.88 9.45 18.12
N ALA B 302 4.92 8.76 18.54
CA ALA B 302 6.14 9.39 19.01
C ALA B 302 7.24 8.84 18.11
#